data_7DB2
#
_entry.id   7DB2
#
_cell.length_a   58.676
_cell.length_b   75.887
_cell.length_c   106.174
_cell.angle_alpha   90.00
_cell.angle_beta   90.00
_cell.angle_gamma   90.00
#
_symmetry.space_group_name_H-M   'P 21 21 21'
#
loop_
_entity.id
_entity.type
_entity.pdbx_description
1 polymer 'Glutathione S-transferase E14'
2 non-polymer 5,5-DIMETHYLCYCLOHEXANE-1,3-DIONE
3 non-polymer GLUTATHIONE
4 non-polymer 'DIMETHYL SULFOXIDE'
5 water water
#
_entity_poly.entity_id   1
_entity_poly.type   'polypeptide(L)'
_entity_poly.pdbx_seq_one_letter_code
;MNHKVHMMSQPKPILYYDERSPPVRSCLMLIKLLDIDVELRFVNLFKGEQFQKDFLALNPQHSVPTLVHGDLVLTDSHAI
LIHLAEKFDEGGSLWPQEHAERMKVLNLLLFECSFLFRRDSDFMSAIVRQGFANVDVAHHERKLTEAYIIMERYLENSDF
MAGPQLTLADLSIVTTLSTVNLMFPLSQFPRLRRWFTAMQQLDAYEANCSGLEKLRQTMESVGSFQFPSSSAVVTEKVE
;
_entity_poly.pdbx_strand_id   A,B
#
loop_
_chem_comp.id
_chem_comp.type
_chem_comp.name
_chem_comp.formula
DC1 non-polymer 5,5-DIMETHYLCYCLOHEXANE-1,3-DIONE 'C8 H12 O2'
DMS non-polymer 'DIMETHYL SULFOXIDE' 'C2 H6 O S'
GSH non-polymer GLUTATHIONE 'C10 H17 N3 O6 S'
#
# COMPACT_ATOMS: atom_id res chain seq x y z
N PRO A 11 -18.65 3.94 -22.01
CA PRO A 11 -17.94 5.22 -21.85
C PRO A 11 -16.46 4.99 -21.58
N LYS A 12 -15.60 5.60 -22.38
CA LYS A 12 -14.17 5.40 -22.26
C LYS A 12 -13.68 5.78 -20.87
N PRO A 13 -12.78 4.96 -20.30
CA PRO A 13 -12.16 5.33 -19.02
C PRO A 13 -11.33 6.60 -19.17
N ILE A 14 -11.26 7.40 -18.11
CA ILE A 14 -10.44 8.60 -18.08
C ILE A 14 -9.36 8.41 -17.03
N LEU A 15 -8.10 8.50 -17.45
CA LEU A 15 -6.96 8.36 -16.53
C LEU A 15 -6.26 9.71 -16.29
N TYR A 16 -6.30 10.19 -15.05
CA TYR A 16 -5.51 11.35 -14.65
C TYR A 16 -4.12 10.84 -14.28
N TYR A 17 -3.09 11.40 -14.90
CA TYR A 17 -1.76 10.79 -14.87
C TYR A 17 -0.63 11.81 -14.90
N ASP A 18 0.51 11.41 -14.35
CA ASP A 18 1.80 12.04 -14.57
C ASP A 18 2.70 10.85 -14.85
N GLU A 19 3.20 10.73 -16.07
CA GLU A 19 3.96 9.54 -16.46
C GLU A 19 5.29 9.33 -15.70
N ARG A 20 5.76 10.34 -14.98
CA ARG A 20 6.95 10.17 -14.15
C ARG A 20 6.69 9.16 -13.03
N SER A 21 5.43 9.06 -12.61
N SER A 21 5.43 9.07 -12.59
CA SER A 21 5.04 8.22 -11.50
CA SER A 21 5.05 8.26 -11.43
C SER A 21 5.11 6.73 -11.83
C SER A 21 5.03 6.76 -11.73
N PRO A 22 5.80 5.94 -10.98
CA PRO A 22 5.79 4.50 -11.27
C PRO A 22 4.39 3.86 -11.29
N PRO A 23 3.52 4.14 -10.29
CA PRO A 23 2.19 3.52 -10.35
C PRO A 23 1.35 3.99 -11.54
N VAL A 24 1.61 5.19 -12.06
CA VAL A 24 0.94 5.60 -13.28
C VAL A 24 1.44 4.76 -14.43
N ARG A 25 2.76 4.57 -14.51
CA ARG A 25 3.33 3.76 -15.58
C ARG A 25 2.82 2.32 -15.61
N SER A 26 2.47 1.78 -14.45
N SER A 26 2.48 1.77 -14.45
CA SER A 26 1.91 0.44 -14.41
CA SER A 26 1.91 0.41 -14.44
C SER A 26 0.57 0.41 -15.14
C SER A 26 0.57 0.41 -15.15
N CYS A 27 -0.25 1.42 -14.89
CA CYS A 27 -1.55 1.57 -15.56
C CYS A 27 -1.35 1.81 -17.04
N LEU A 28 -0.41 2.67 -17.41
CA LEU A 28 -0.12 2.90 -18.83
C LEU A 28 0.27 1.60 -19.52
N MET A 29 1.11 0.80 -18.87
N MET A 29 1.07 0.79 -18.83
CA MET A 29 1.51 -0.49 -19.41
CA MET A 29 1.52 -0.49 -19.38
C MET A 29 0.32 -1.43 -19.64
C MET A 29 0.36 -1.46 -19.60
N LEU A 30 -0.60 -1.47 -18.68
CA LEU A 30 -1.76 -2.35 -18.82
C LEU A 30 -2.64 -1.87 -19.97
N ILE A 31 -2.87 -0.56 -20.01
CA ILE A 31 -3.66 0.05 -21.06
C ILE A 31 -3.11 -0.31 -22.44
N LYS A 32 -1.78 -0.30 -22.58
CA LYS A 32 -1.15 -0.70 -23.83
C LYS A 32 -1.26 -2.21 -24.07
N LEU A 33 -1.07 -2.98 -23.01
CA LEU A 33 -1.08 -4.44 -23.12
C LEU A 33 -2.44 -4.98 -23.58
N LEU A 34 -3.51 -4.33 -23.12
CA LEU A 34 -4.87 -4.79 -23.41
C LEU A 34 -5.53 -3.96 -24.51
N ASP A 35 -4.78 -3.01 -25.06
N ASP A 35 -4.79 -2.98 -25.04
CA ASP A 35 -5.28 -2.10 -26.10
CA ASP A 35 -5.30 -2.12 -26.12
C ASP A 35 -6.59 -1.44 -25.69
C ASP A 35 -6.57 -1.39 -25.71
N ILE A 36 -6.55 -0.77 -24.54
CA ILE A 36 -7.73 -0.12 -24.00
C ILE A 36 -7.77 1.34 -24.43
N ASP A 37 -8.92 1.78 -24.91
CA ASP A 37 -9.12 3.17 -25.28
C ASP A 37 -9.40 4.00 -24.04
N VAL A 38 -8.47 4.88 -23.70
CA VAL A 38 -8.57 5.68 -22.51
C VAL A 38 -8.27 7.13 -22.83
N GLU A 39 -9.06 8.04 -22.26
CA GLU A 39 -8.72 9.45 -22.32
C GLU A 39 -7.70 9.78 -21.24
N LEU A 40 -6.62 10.46 -21.64
CA LEU A 40 -5.57 10.83 -20.70
C LEU A 40 -5.68 12.30 -20.32
N ARG A 41 -5.62 12.58 -19.02
CA ARG A 41 -5.64 13.94 -18.52
C ARG A 41 -4.45 14.18 -17.60
N PHE A 42 -3.55 15.05 -18.05
CA PHE A 42 -2.26 15.24 -17.39
C PHE A 42 -2.37 16.09 -16.13
N VAL A 43 -1.79 15.60 -15.04
CA VAL A 43 -1.71 16.36 -13.80
C VAL A 43 -0.25 16.44 -13.40
N ASN A 44 0.36 17.62 -13.58
CA ASN A 44 1.76 17.81 -13.28
C ASN A 44 2.01 17.91 -11.78
N LEU A 45 2.59 16.84 -11.23
CA LEU A 45 2.78 16.73 -9.79
C LEU A 45 3.84 17.69 -9.27
N PHE A 46 4.84 17.96 -10.10
CA PHE A 46 5.92 18.82 -9.66
C PHE A 46 5.51 20.30 -9.72
N LYS A 47 4.36 20.57 -10.33
CA LYS A 47 3.81 21.92 -10.36
C LYS A 47 2.67 22.05 -9.37
N GLY A 48 2.34 20.95 -8.70
CA GLY A 48 1.31 20.96 -7.68
C GLY A 48 -0.11 21.06 -8.21
N GLU A 49 -0.30 20.63 -9.46
N GLU A 49 -0.33 20.66 -9.46
CA GLU A 49 -1.62 20.67 -10.08
CA GLU A 49 -1.68 20.72 -10.01
C GLU A 49 -2.60 19.70 -9.43
C GLU A 49 -2.54 19.51 -9.64
N GLN A 50 -2.07 18.75 -8.66
CA GLN A 50 -2.91 17.76 -8.00
C GLN A 50 -3.69 18.43 -6.87
N PHE A 51 -3.37 19.68 -6.58
CA PHE A 51 -4.09 20.46 -5.57
C PHE A 51 -5.12 21.42 -6.16
N GLN A 52 -5.29 21.37 -7.48
CA GLN A 52 -6.38 22.10 -8.13
C GLN A 52 -7.70 21.66 -7.53
N LYS A 53 -8.57 22.63 -7.23
CA LYS A 53 -9.81 22.38 -6.50
C LYS A 53 -10.65 21.26 -7.13
N ASP A 54 -10.69 21.22 -8.45
CA ASP A 54 -11.51 20.24 -9.15
C ASP A 54 -10.95 18.84 -8.98
N PHE A 55 -9.64 18.69 -9.14
CA PHE A 55 -9.00 17.40 -8.95
C PHE A 55 -9.09 16.97 -7.49
N LEU A 56 -8.87 17.91 -6.58
CA LEU A 56 -8.98 17.65 -5.15
C LEU A 56 -10.37 17.14 -4.79
N ALA A 57 -11.39 17.71 -5.43
CA ALA A 57 -12.76 17.27 -5.17
C ALA A 57 -12.97 15.85 -5.71
N LEU A 58 -12.27 15.53 -6.79
N LEU A 58 -12.26 15.53 -6.79
CA LEU A 58 -12.36 14.19 -7.39
CA LEU A 58 -12.33 14.21 -7.42
C LEU A 58 -11.58 13.17 -6.57
C LEU A 58 -11.58 13.20 -6.57
N ASN A 59 -10.38 13.57 -6.14
CA ASN A 59 -9.53 12.69 -5.34
C ASN A 59 -8.84 13.49 -4.24
N PRO A 60 -9.41 13.46 -3.02
CA PRO A 60 -8.88 14.26 -1.91
C PRO A 60 -7.47 13.81 -1.49
N GLN A 61 -7.06 12.62 -1.93
CA GLN A 61 -5.69 12.14 -1.71
C GLN A 61 -4.70 12.85 -2.64
N HIS A 62 -5.22 13.66 -3.57
CA HIS A 62 -4.39 14.39 -4.55
C HIS A 62 -3.27 13.53 -5.15
N SER A 63 -3.64 12.35 -5.66
CA SER A 63 -2.67 11.39 -6.14
C SER A 63 -2.97 10.93 -7.56
N VAL A 64 -1.93 10.53 -8.27
CA VAL A 64 -2.11 9.85 -9.54
C VAL A 64 -1.42 8.50 -9.44
N PRO A 65 -1.96 7.49 -10.14
CA PRO A 65 -3.11 7.60 -11.05
C PRO A 65 -4.47 7.71 -10.38
N THR A 66 -5.39 8.36 -11.08
CA THR A 66 -6.79 8.37 -10.70
C THR A 66 -7.58 8.02 -11.95
N LEU A 67 -8.50 7.06 -11.82
CA LEU A 67 -9.29 6.63 -12.98
C LEU A 67 -10.75 6.98 -12.75
N VAL A 68 -11.36 7.56 -13.77
CA VAL A 68 -12.80 7.78 -13.79
C VAL A 68 -13.35 6.90 -14.90
N HIS A 69 -14.22 5.97 -14.52
CA HIS A 69 -14.86 5.08 -15.47
C HIS A 69 -16.35 5.00 -15.15
N GLY A 70 -17.14 5.78 -15.88
CA GLY A 70 -18.54 5.93 -15.53
C GLY A 70 -18.65 6.63 -14.20
N ASP A 71 -19.35 6.01 -13.25
CA ASP A 71 -19.50 6.60 -11.93
C ASP A 71 -18.41 6.12 -10.98
N LEU A 72 -17.55 5.22 -11.47
CA LEU A 72 -16.49 4.65 -10.65
C LEU A 72 -15.26 5.53 -10.64
N VAL A 73 -14.86 5.97 -9.44
CA VAL A 73 -13.63 6.74 -9.27
C VAL A 73 -12.65 5.95 -8.41
N LEU A 74 -11.55 5.55 -9.03
CA LEU A 74 -10.51 4.81 -8.33
C LEU A 74 -9.26 5.67 -8.17
N THR A 75 -8.63 5.56 -7.01
CA THR A 75 -7.55 6.45 -6.62
C THR A 75 -6.30 5.69 -6.19
N ASP A 76 -6.13 4.50 -6.73
CA ASP A 76 -4.94 3.69 -6.45
C ASP A 76 -4.64 2.79 -7.63
N SER A 77 -3.38 2.80 -8.06
CA SER A 77 -3.00 2.04 -9.24
C SER A 77 -3.38 0.57 -9.17
N HIS A 78 -3.39 0.01 -7.97
CA HIS A 78 -3.59 -1.44 -7.85
C HIS A 78 -5.05 -1.77 -8.04
N ALA A 79 -5.93 -0.88 -7.59
CA ALA A 79 -7.37 -1.03 -7.85
C ALA A 79 -7.63 -0.79 -9.34
N ILE A 80 -6.93 0.18 -9.92
CA ILE A 80 -7.13 0.49 -11.34
C ILE A 80 -6.72 -0.69 -12.18
N LEU A 81 -5.59 -1.32 -11.85
CA LEU A 81 -5.09 -2.48 -12.56
C LEU A 81 -6.13 -3.60 -12.51
N ILE A 82 -6.67 -3.83 -11.32
CA ILE A 82 -7.61 -4.93 -11.13
C ILE A 82 -8.91 -4.63 -11.87
N HIS A 83 -9.39 -3.39 -11.77
CA HIS A 83 -10.64 -3.00 -12.45
C HIS A 83 -10.53 -3.17 -13.97
N LEU A 84 -9.45 -2.66 -14.55
CA LEU A 84 -9.24 -2.70 -15.99
C LEU A 84 -9.06 -4.13 -16.48
N ALA A 85 -8.43 -4.97 -15.67
CA ALA A 85 -8.23 -6.36 -16.01
C ALA A 85 -9.58 -7.09 -16.07
N GLU A 86 -10.44 -6.77 -15.12
CA GLU A 86 -11.74 -7.44 -15.05
C GLU A 86 -12.71 -6.96 -16.12
N LYS A 87 -12.36 -5.86 -16.77
CA LYS A 87 -13.26 -5.25 -17.75
C LYS A 87 -12.79 -5.38 -19.18
N PHE A 88 -11.48 -5.47 -19.38
CA PHE A 88 -10.92 -5.53 -20.72
C PHE A 88 -10.09 -6.78 -20.88
N ASP A 89 -10.06 -7.60 -19.83
CA ASP A 89 -9.42 -8.90 -19.89
C ASP A 89 -10.22 -9.93 -19.09
N GLU A 90 -11.54 -9.80 -19.14
CA GLU A 90 -12.43 -10.65 -18.34
C GLU A 90 -12.14 -12.14 -18.53
N GLY A 91 -11.98 -12.85 -17.42
CA GLY A 91 -11.65 -14.26 -17.48
C GLY A 91 -10.21 -14.57 -17.83
N GLY A 92 -9.39 -13.53 -17.98
CA GLY A 92 -8.00 -13.71 -18.33
C GLY A 92 -7.06 -14.15 -17.21
N SER A 93 -5.76 -14.17 -17.51
CA SER A 93 -4.76 -14.69 -16.58
C SER A 93 -3.93 -13.60 -15.90
N LEU A 94 -4.16 -12.35 -16.26
CA LEU A 94 -3.48 -11.23 -15.60
C LEU A 94 -3.96 -11.09 -14.16
N TRP A 95 -5.25 -11.35 -13.96
CA TRP A 95 -5.90 -11.33 -12.68
C TRP A 95 -6.63 -12.67 -12.63
N PRO A 96 -5.89 -13.73 -12.27
CA PRO A 96 -6.23 -15.15 -12.42
C PRO A 96 -7.57 -15.52 -11.84
N GLN A 97 -8.22 -16.49 -12.46
CA GLN A 97 -9.53 -16.93 -12.02
C GLN A 97 -9.47 -17.79 -10.75
N GLU A 98 -8.46 -18.62 -10.64
CA GLU A 98 -8.34 -19.52 -9.49
C GLU A 98 -7.95 -18.74 -8.23
N HIS A 99 -8.62 -19.05 -7.14
CA HIS A 99 -8.48 -18.26 -5.92
C HIS A 99 -7.06 -18.13 -5.42
N ALA A 100 -6.35 -19.24 -5.27
CA ALA A 100 -4.99 -19.20 -4.70
C ALA A 100 -4.09 -18.36 -5.59
N GLU A 101 -4.21 -18.54 -6.89
CA GLU A 101 -3.37 -17.78 -7.80
C GLU A 101 -3.69 -16.30 -7.74
N ARG A 102 -4.95 -15.96 -7.63
CA ARG A 102 -5.36 -14.57 -7.54
C ARG A 102 -4.85 -13.96 -6.25
N MET A 103 -4.91 -14.72 -5.16
CA MET A 103 -4.39 -14.23 -3.88
C MET A 103 -2.89 -13.96 -3.94
N LYS A 104 -2.15 -14.82 -4.66
N LYS A 104 -2.14 -14.82 -4.64
CA LYS A 104 -0.71 -14.64 -4.83
CA LYS A 104 -0.70 -14.59 -4.80
C LYS A 104 -0.43 -13.32 -5.56
C LYS A 104 -0.45 -13.29 -5.55
N VAL A 105 -1.21 -13.04 -6.61
CA VAL A 105 -1.06 -11.80 -7.36
C VAL A 105 -1.39 -10.60 -6.48
N LEU A 106 -2.49 -10.68 -5.76
CA LEU A 106 -2.89 -9.63 -4.83
C LEU A 106 -1.80 -9.37 -3.78
N ASN A 107 -1.24 -10.45 -3.23
CA ASN A 107 -0.19 -10.34 -2.24
C ASN A 107 1.01 -9.56 -2.78
N LEU A 108 1.37 -9.81 -4.04
CA LEU A 108 2.51 -9.12 -4.63
C LEU A 108 2.19 -7.70 -5.02
N LEU A 109 0.97 -7.43 -5.46
CA LEU A 109 0.55 -6.06 -5.69
C LEU A 109 0.73 -5.27 -4.38
N LEU A 110 0.36 -5.89 -3.26
CA LEU A 110 0.44 -5.21 -1.97
C LEU A 110 1.89 -5.07 -1.50
N PHE A 111 2.74 -6.04 -1.79
CA PHE A 111 4.18 -5.87 -1.56
C PHE A 111 4.68 -4.64 -2.31
N GLU A 112 4.24 -4.47 -3.55
CA GLU A 112 4.70 -3.31 -4.31
C GLU A 112 4.25 -2.05 -3.60
N CYS A 113 3.01 -1.99 -3.17
CA CYS A 113 2.53 -0.78 -2.54
C CYS A 113 3.22 -0.53 -1.20
N SER A 114 3.22 -1.56 -0.36
N SER A 114 3.23 -1.56 -0.36
CA SER A 114 3.59 -1.42 1.04
CA SER A 114 3.58 -1.43 1.04
C SER A 114 5.09 -1.33 1.29
C SER A 114 5.08 -1.37 1.30
N PHE A 115 5.88 -1.95 0.42
CA PHE A 115 7.29 -2.17 0.68
C PHE A 115 8.14 -1.54 -0.40
N LEU A 116 8.06 -2.05 -1.62
CA LEU A 116 8.93 -1.54 -2.69
C LEU A 116 8.67 -0.07 -3.03
N PHE A 117 7.43 0.28 -3.36
CA PHE A 117 7.11 1.65 -3.69
C PHE A 117 7.29 2.55 -2.47
N ARG A 118 6.86 2.11 -1.29
CA ARG A 118 7.00 2.94 -0.11
C ARG A 118 8.47 3.35 0.06
N ARG A 119 9.37 2.40 -0.10
CA ARG A 119 10.79 2.70 0.07
C ARG A 119 11.34 3.55 -1.06
N ASP A 120 10.94 3.26 -2.30
CA ASP A 120 11.46 4.08 -3.40
C ASP A 120 10.92 5.49 -3.30
N SER A 121 9.64 5.63 -2.99
CA SER A 121 9.04 6.95 -2.81
C SER A 121 9.73 7.73 -1.69
N ASP A 122 9.98 7.06 -0.55
N ASP A 122 10.02 7.10 -0.55
CA ASP A 122 10.69 7.66 0.58
CA ASP A 122 10.65 7.85 0.53
C ASP A 122 11.99 8.29 0.09
C ASP A 122 12.06 8.29 0.17
N PHE A 123 12.77 7.49 -0.62
CA PHE A 123 14.09 7.87 -1.09
C PHE A 123 14.00 9.05 -2.07
N MET A 124 13.17 8.90 -3.10
CA MET A 124 13.06 9.92 -4.12
C MET A 124 12.48 11.23 -3.57
N SER A 125 11.51 11.12 -2.68
N SER A 125 11.50 11.14 -2.68
CA SER A 125 10.90 12.30 -2.07
CA SER A 125 10.93 12.35 -2.10
C SER A 125 11.94 13.05 -1.22
C SER A 125 11.94 13.07 -1.20
N ALA A 126 12.80 12.31 -0.53
CA ALA A 126 13.89 12.92 0.25
C ALA A 126 14.79 13.76 -0.66
N ILE A 127 15.14 13.22 -1.82
CA ILE A 127 15.95 13.96 -2.80
C ILE A 127 15.25 15.24 -3.24
N VAL A 128 13.97 15.15 -3.58
CA VAL A 128 13.18 16.33 -3.93
C VAL A 128 13.19 17.39 -2.83
N ARG A 129 12.96 16.97 -1.58
CA ARG A 129 12.88 17.91 -0.47
C ARG A 129 14.20 18.49 0.04
N GLN A 130 15.25 17.69 0.00
CA GLN A 130 16.50 18.03 0.68
C GLN A 130 17.64 18.33 -0.28
N GLY A 131 17.52 17.86 -1.51
CA GLY A 131 18.62 17.88 -2.46
C GLY A 131 19.44 16.63 -2.25
N PHE A 132 19.91 16.05 -3.35
CA PHE A 132 20.62 14.77 -3.28
C PHE A 132 21.80 14.78 -2.30
N ALA A 133 22.56 15.88 -2.29
CA ALA A 133 23.76 15.94 -1.46
C ALA A 133 23.43 15.91 0.03
N ASN A 134 22.17 16.16 0.37
CA ASN A 134 21.73 16.20 1.77
C ASN A 134 20.91 14.99 2.18
N VAL A 135 20.82 14.00 1.30
CA VAL A 135 20.11 12.78 1.61
C VAL A 135 21.06 11.72 2.16
N ASP A 136 20.60 10.98 3.15
CA ASP A 136 21.35 9.82 3.64
C ASP A 136 21.17 8.69 2.63
N VAL A 137 21.94 8.75 1.57
CA VAL A 137 21.81 7.79 0.49
C VAL A 137 22.14 6.36 0.93
N ALA A 138 23.11 6.21 1.83
CA ALA A 138 23.47 4.87 2.30
C ALA A 138 22.29 4.20 3.00
N HIS A 139 21.55 4.98 3.76
CA HIS A 139 20.35 4.48 4.44
C HIS A 139 19.35 3.94 3.41
N HIS A 140 19.09 4.74 2.39
CA HIS A 140 18.14 4.31 1.37
C HIS A 140 18.68 3.18 0.51
N GLU A 141 19.98 3.16 0.28
CA GLU A 141 20.57 2.03 -0.42
C GLU A 141 20.29 0.73 0.32
N ARG A 142 20.43 0.75 1.64
CA ARG A 142 20.16 -0.44 2.43
C ARG A 142 18.70 -0.84 2.33
N LYS A 143 17.80 0.14 2.46
CA LYS A 143 16.38 -0.16 2.40
C LYS A 143 15.99 -0.73 1.04
N LEU A 144 16.56 -0.20 -0.03
CA LEU A 144 16.16 -0.62 -1.37
C LEU A 144 16.87 -1.90 -1.81
N THR A 145 18.12 -2.09 -1.38
N THR A 145 18.12 -2.09 -1.42
CA THR A 145 18.81 -3.37 -1.59
CA THR A 145 18.78 -3.35 -1.77
C THR A 145 18.02 -4.49 -0.94
C THR A 145 18.12 -4.50 -0.99
N GLU A 146 17.47 -4.22 0.25
N GLU A 146 17.54 -4.17 0.15
CA GLU A 146 16.65 -5.19 0.93
CA GLU A 146 16.70 -5.14 0.89
C GLU A 146 15.44 -5.60 0.07
C GLU A 146 15.50 -5.57 0.05
N ALA A 147 14.88 -4.62 -0.65
CA ALA A 147 13.77 -4.93 -1.56
C ALA A 147 14.24 -5.80 -2.73
N TYR A 148 15.42 -5.50 -3.26
CA TYR A 148 16.02 -6.33 -4.30
C TYR A 148 16.17 -7.78 -3.84
N ILE A 149 16.67 -7.97 -2.62
CA ILE A 149 16.89 -9.30 -2.08
C ILE A 149 15.57 -10.07 -1.97
N ILE A 150 14.53 -9.37 -1.51
CA ILE A 150 13.21 -9.96 -1.43
C ILE A 150 12.68 -10.41 -2.81
N MET A 151 12.79 -9.54 -3.81
CA MET A 151 12.32 -9.87 -5.15
C MET A 151 13.13 -11.01 -5.75
N GLU A 152 14.43 -11.04 -5.48
CA GLU A 152 15.28 -12.13 -5.94
C GLU A 152 14.74 -13.45 -5.37
N ARG A 153 14.40 -13.44 -4.08
CA ARG A 153 13.84 -14.62 -3.43
C ARG A 153 12.51 -15.05 -4.07
N TYR A 154 11.64 -14.10 -4.38
CA TYR A 154 10.38 -14.41 -5.05
C TYR A 154 10.64 -15.10 -6.38
N LEU A 155 11.62 -14.59 -7.12
CA LEU A 155 11.89 -15.05 -8.47
C LEU A 155 12.71 -16.34 -8.53
N GLU A 156 13.21 -16.79 -7.38
CA GLU A 156 13.96 -18.03 -7.41
C GLU A 156 13.03 -19.23 -7.61
N ASN A 157 11.73 -19.01 -7.44
CA ASN A 157 10.74 -20.07 -7.60
C ASN A 157 9.93 -19.99 -8.89
N SER A 158 9.93 -18.83 -9.54
CA SER A 158 9.19 -18.66 -10.80
C SER A 158 9.76 -17.54 -11.66
N ASP A 159 9.41 -17.54 -12.95
CA ASP A 159 9.95 -16.55 -13.87
C ASP A 159 9.18 -15.24 -13.84
N PHE A 160 8.03 -15.25 -13.18
CA PHE A 160 7.28 -14.02 -12.97
C PHE A 160 7.05 -13.84 -11.48
N MET A 161 6.68 -12.63 -11.08
CA MET A 161 6.64 -12.28 -9.66
C MET A 161 5.65 -13.11 -8.85
N ALA A 162 4.50 -13.43 -9.44
CA ALA A 162 3.44 -14.11 -8.70
C ALA A 162 3.14 -15.52 -9.22
N GLY A 163 4.04 -16.07 -10.04
CA GLY A 163 3.81 -17.37 -10.63
C GLY A 163 4.47 -17.55 -11.98
N PRO A 164 4.06 -18.58 -12.72
CA PRO A 164 4.68 -18.96 -13.99
C PRO A 164 4.24 -18.11 -15.19
N GLN A 165 3.27 -17.22 -15.00
CA GLN A 165 2.80 -16.37 -16.09
C GLN A 165 2.77 -14.90 -15.70
N LEU A 166 2.81 -14.03 -16.71
CA LEU A 166 2.66 -12.60 -16.48
C LEU A 166 1.33 -12.28 -15.79
N THR A 167 1.39 -11.50 -14.71
CA THR A 167 0.18 -11.02 -14.06
C THR A 167 0.29 -9.53 -13.79
N LEU A 168 -0.80 -8.96 -13.29
CA LEU A 168 -0.79 -7.59 -12.84
C LEU A 168 0.38 -7.28 -11.90
N ALA A 169 0.82 -8.26 -11.12
CA ALA A 169 1.91 -8.01 -10.17
C ALA A 169 3.19 -7.57 -10.89
N ASP A 170 3.48 -8.18 -12.04
CA ASP A 170 4.68 -7.84 -12.79
C ASP A 170 4.63 -6.42 -13.32
N LEU A 171 3.46 -6.00 -13.76
CA LEU A 171 3.27 -4.65 -14.31
C LEU A 171 3.45 -3.61 -13.23
N SER A 172 2.89 -3.88 -12.05
CA SER A 172 3.02 -3.00 -10.91
C SER A 172 4.47 -2.90 -10.42
N ILE A 173 5.14 -4.03 -10.31
CA ILE A 173 6.50 -4.08 -9.77
C ILE A 173 7.56 -3.54 -10.73
N VAL A 174 7.41 -3.78 -12.03
CA VAL A 174 8.49 -3.44 -12.96
C VAL A 174 8.70 -1.94 -13.07
N THR A 175 7.63 -1.17 -12.96
CA THR A 175 7.76 0.28 -13.11
C THR A 175 8.55 0.86 -11.92
N THR A 176 8.22 0.41 -10.72
CA THR A 176 9.00 0.83 -9.56
C THR A 176 10.42 0.25 -9.58
N LEU A 177 10.59 -1.02 -9.93
CA LEU A 177 11.91 -1.60 -10.00
C LEU A 177 12.79 -0.80 -10.97
N SER A 178 12.25 -0.46 -12.13
CA SER A 178 13.03 0.30 -13.12
C SER A 178 13.47 1.65 -12.55
N THR A 179 12.64 2.23 -11.69
CA THR A 179 12.90 3.50 -11.05
C THR A 179 14.00 3.36 -10.01
N VAL A 180 13.90 2.35 -9.15
CA VAL A 180 14.94 2.10 -8.16
C VAL A 180 16.30 1.88 -8.86
N ASN A 181 16.26 1.18 -10.01
CA ASN A 181 17.45 0.81 -10.76
C ASN A 181 18.09 1.97 -11.54
N LEU A 182 17.41 3.10 -11.60
CA LEU A 182 18.10 4.30 -12.07
C LEU A 182 19.29 4.57 -11.16
N MET A 183 19.13 4.28 -9.87
CA MET A 183 20.16 4.58 -8.87
C MET A 183 21.00 3.38 -8.48
N PHE A 184 20.35 2.25 -8.24
CA PHE A 184 21.01 1.11 -7.62
C PHE A 184 21.14 -0.08 -8.58
N PRO A 185 22.37 -0.53 -8.82
CA PRO A 185 22.60 -1.55 -9.85
C PRO A 185 22.12 -2.95 -9.45
N LEU A 186 21.90 -3.79 -10.46
CA LEU A 186 21.31 -5.11 -10.27
C LEU A 186 22.32 -6.22 -10.52
N SER A 187 23.60 -5.85 -10.50
N SER A 187 23.60 -5.86 -10.51
CA SER A 187 24.69 -6.78 -10.80
CA SER A 187 24.66 -6.82 -10.84
C SER A 187 24.69 -8.04 -9.95
C SER A 187 24.69 -8.06 -9.94
N GLN A 188 24.31 -7.90 -8.69
CA GLN A 188 24.32 -9.02 -7.75
C GLN A 188 23.05 -9.85 -7.77
N PHE A 189 22.11 -9.55 -8.68
CA PHE A 189 20.78 -10.17 -8.65
C PHE A 189 20.40 -10.80 -9.98
N PRO A 190 20.88 -12.04 -10.21
CA PRO A 190 20.69 -12.70 -11.51
C PRO A 190 19.23 -12.99 -11.89
N ARG A 191 18.40 -13.41 -10.93
CA ARG A 191 17.02 -13.66 -11.31
C ARG A 191 16.29 -12.35 -11.61
N LEU A 192 16.57 -11.33 -10.80
CA LEU A 192 15.96 -10.04 -11.01
C LEU A 192 16.37 -9.46 -12.37
N ARG A 193 17.64 -9.62 -12.74
CA ARG A 193 18.10 -9.19 -14.06
C ARG A 193 17.40 -9.94 -15.20
N ARG A 194 17.26 -11.25 -15.05
CA ARG A 194 16.56 -12.07 -16.03
C ARG A 194 15.11 -11.62 -16.21
N TRP A 195 14.41 -11.42 -15.08
CA TRP A 195 13.03 -10.99 -15.11
C TRP A 195 12.89 -9.60 -15.75
N PHE A 196 13.75 -8.67 -15.35
CA PHE A 196 13.66 -7.29 -15.83
C PHE A 196 13.88 -7.26 -17.36
N THR A 197 14.89 -7.99 -17.80
CA THR A 197 15.15 -8.13 -19.23
C THR A 197 13.94 -8.70 -19.97
N ALA A 198 13.33 -9.74 -19.42
CA ALA A 198 12.12 -10.30 -20.01
C ALA A 198 11.00 -9.28 -20.11
N MET A 199 10.80 -8.51 -19.03
CA MET A 199 9.78 -7.48 -19.04
C MET A 199 10.05 -6.44 -20.13
N GLN A 200 11.32 -6.14 -20.32
CA GLN A 200 11.71 -5.11 -21.28
C GLN A 200 11.44 -5.57 -22.71
N GLN A 201 11.24 -6.86 -22.90
CA GLN A 201 10.94 -7.41 -24.23
C GLN A 201 9.46 -7.27 -24.61
N LEU A 202 8.59 -7.07 -23.62
CA LEU A 202 7.18 -6.88 -23.88
C LEU A 202 6.94 -5.57 -24.62
N ASP A 203 6.10 -5.60 -25.65
CA ASP A 203 5.69 -4.37 -26.31
C ASP A 203 5.12 -3.38 -25.31
N ALA A 204 4.41 -3.88 -24.30
CA ALA A 204 3.75 -3.01 -23.33
C ALA A 204 4.77 -2.20 -22.54
N TYR A 205 5.99 -2.71 -22.45
CA TYR A 205 7.03 -2.02 -21.67
C TYR A 205 7.39 -0.66 -22.25
N GLU A 206 7.06 -0.42 -23.52
CA GLU A 206 7.32 0.89 -24.10
C GLU A 206 6.60 1.99 -23.32
N ALA A 207 5.47 1.64 -22.71
CA ALA A 207 4.67 2.61 -21.98
C ALA A 207 5.41 3.09 -20.73
N ASN A 208 6.44 2.35 -20.33
CA ASN A 208 7.29 2.75 -19.19
C ASN A 208 8.39 3.74 -19.54
N CYS A 209 8.78 3.81 -20.81
CA CYS A 209 10.01 4.52 -21.18
C CYS A 209 10.00 6.02 -21.04
N SER A 210 9.00 6.68 -21.60
CA SER A 210 8.97 8.14 -21.59
C SER A 210 8.94 8.64 -20.16
N GLY A 211 8.13 8.00 -19.33
CA GLY A 211 7.95 8.43 -17.96
C GLY A 211 9.19 8.17 -17.15
N LEU A 212 9.84 7.04 -17.38
CA LEU A 212 11.06 6.73 -16.63
C LEU A 212 12.13 7.77 -16.95
N GLU A 213 12.33 8.06 -18.23
CA GLU A 213 13.32 9.06 -18.66
C GLU A 213 12.96 10.47 -18.17
N LYS A 214 11.68 10.82 -18.24
CA LYS A 214 11.22 12.10 -17.70
C LYS A 214 11.50 12.20 -16.21
N LEU A 215 11.21 11.13 -15.47
CA LEU A 215 11.51 11.12 -14.04
C LEU A 215 13.01 11.27 -13.81
N ARG A 216 13.81 10.54 -14.57
CA ARG A 216 15.26 10.67 -14.48
C ARG A 216 15.68 12.12 -14.66
N GLN A 217 15.25 12.73 -15.75
CA GLN A 217 15.60 14.12 -16.03
C GLN A 217 15.06 15.08 -14.96
N THR A 218 13.80 14.90 -14.57
CA THR A 218 13.23 15.75 -13.53
C THR A 218 13.96 15.67 -12.20
N MET A 219 14.28 14.45 -11.77
CA MET A 219 14.97 14.24 -10.50
C MET A 219 16.36 14.85 -10.51
N GLU A 220 17.07 14.70 -11.63
CA GLU A 220 18.43 15.24 -11.71
C GLU A 220 18.39 16.77 -11.61
N SER A 221 17.38 17.36 -12.24
CA SER A 221 17.17 18.80 -12.16
C SER A 221 16.88 19.26 -10.73
N VAL A 222 15.81 18.74 -10.14
CA VAL A 222 15.38 19.18 -8.81
C VAL A 222 16.34 18.80 -7.69
N GLY A 223 16.97 17.63 -7.81
CA GLY A 223 17.85 17.14 -6.77
C GLY A 223 19.29 17.58 -6.93
N SER A 224 19.62 18.16 -8.09
CA SER A 224 20.97 18.64 -8.40
C SER A 224 22.02 17.53 -8.32
N PHE A 225 21.80 16.48 -9.10
CA PHE A 225 22.74 15.36 -9.13
C PHE A 225 22.57 14.63 -10.45
N GLN A 226 23.39 13.60 -10.66
CA GLN A 226 23.14 12.70 -11.77
C GLN A 226 23.08 11.29 -11.24
N PHE A 227 22.15 10.50 -11.75
CA PHE A 227 22.16 9.08 -11.50
C PHE A 227 23.38 8.48 -12.18
N PRO A 228 23.98 7.45 -11.59
CA PRO A 228 25.07 6.78 -12.29
C PRO A 228 24.53 6.03 -13.51
N SER A 229 24.97 6.42 -14.70
CA SER A 229 24.48 5.81 -15.93
C SER A 229 24.72 4.31 -16.00
N SER A 230 25.75 3.82 -15.33
CA SER A 230 26.09 2.39 -15.33
C SER A 230 24.99 1.53 -14.68
N SER A 231 24.19 2.14 -13.81
CA SER A 231 23.23 1.36 -13.04
C SER A 231 22.06 0.80 -13.84
N ALA A 232 21.40 1.64 -14.64
CA ALA A 232 20.16 1.22 -15.30
C ALA A 232 20.41 0.05 -16.27
N VAL A 233 19.60 -0.99 -16.13
CA VAL A 233 19.62 -2.10 -17.07
C VAL A 233 18.84 -1.70 -18.31
N VAL A 234 19.48 -1.77 -19.48
CA VAL A 234 18.82 -1.30 -20.70
C VAL A 234 19.01 -2.25 -21.88
N PRO B 11 -5.97 -27.55 6.16
CA PRO B 11 -5.87 -27.30 7.61
C PRO B 11 -6.33 -25.90 7.96
N LYS B 12 -6.46 -25.61 9.25
CA LYS B 12 -6.92 -24.28 9.65
C LYS B 12 -5.80 -23.24 9.51
N PRO B 13 -6.21 -21.99 9.29
CA PRO B 13 -5.26 -20.90 9.10
C PRO B 13 -4.41 -20.65 10.33
N ILE B 14 -3.17 -20.26 10.09
CA ILE B 14 -2.23 -19.85 11.11
C ILE B 14 -1.95 -18.37 10.90
N LEU B 15 -2.14 -17.58 11.95
CA LEU B 15 -1.85 -16.14 11.88
C LEU B 15 -0.66 -15.78 12.77
N TYR B 16 0.44 -15.35 12.15
CA TYR B 16 1.55 -14.73 12.87
C TYR B 16 1.21 -13.27 13.09
N TYR B 17 1.31 -12.83 14.34
CA TYR B 17 0.71 -11.58 14.74
C TYR B 17 1.47 -10.94 15.89
N ASP B 18 1.32 -9.62 15.98
CA ASP B 18 1.66 -8.84 17.17
C ASP B 18 0.44 -7.92 17.29
N GLU B 19 -0.34 -8.03 18.36
CA GLU B 19 -1.61 -7.30 18.39
C GLU B 19 -1.46 -5.77 18.50
N ARG B 20 -0.26 -5.29 18.77
CA ARG B 20 -0.03 -3.84 18.76
C ARG B 20 -0.21 -3.29 17.35
N SER B 21 0.08 -4.10 16.35
N SER B 21 0.06 -4.11 16.35
CA SER B 21 0.07 -3.64 14.96
CA SER B 21 0.06 -3.66 14.96
C SER B 21 -1.35 -3.39 14.43
C SER B 21 -1.36 -3.39 14.43
N PRO B 22 -1.61 -2.17 13.92
CA PRO B 22 -2.93 -1.90 13.33
C PRO B 22 -3.38 -2.93 12.27
N PRO B 23 -2.52 -3.28 11.30
CA PRO B 23 -2.98 -4.26 10.29
C PRO B 23 -3.23 -5.66 10.87
N VAL B 24 -2.58 -6.02 11.96
CA VAL B 24 -2.92 -7.25 12.67
C VAL B 24 -4.32 -7.15 13.25
N ARG B 25 -4.60 -6.03 13.90
CA ARG B 25 -5.90 -5.87 14.55
C ARG B 25 -7.10 -5.92 13.59
N SER B 26 -6.92 -5.46 12.35
N SER B 26 -6.93 -5.46 12.36
CA SER B 26 -7.99 -5.57 11.37
CA SER B 26 -8.03 -5.57 11.40
C SER B 26 -8.32 -7.03 11.11
C SER B 26 -8.33 -7.04 11.12
N CYS B 27 -7.29 -7.86 11.03
CA CYS B 27 -7.46 -9.28 10.81
C CYS B 27 -8.10 -9.95 12.03
N LEU B 28 -7.68 -9.54 13.22
CA LEU B 28 -8.29 -10.07 14.45
C LEU B 28 -9.80 -9.74 14.50
N MET B 29 -10.14 -8.54 14.05
CA MET B 29 -11.54 -8.11 14.03
C MET B 29 -12.33 -8.98 13.06
N LEU B 30 -11.77 -9.23 11.89
CA LEU B 30 -12.48 -10.04 10.91
C LEU B 30 -12.63 -11.49 11.41
N ILE B 31 -11.59 -12.02 12.04
CA ILE B 31 -11.63 -13.36 12.61
C ILE B 31 -12.77 -13.48 13.64
N LYS B 32 -12.96 -12.44 14.45
CA LYS B 32 -14.04 -12.43 15.44
C LYS B 32 -15.41 -12.26 14.78
N LEU B 33 -15.47 -11.38 13.79
CA LEU B 33 -16.72 -11.11 13.09
C LEU B 33 -17.27 -12.36 12.41
N LEU B 34 -16.38 -13.17 11.85
CA LEU B 34 -16.76 -14.34 11.06
C LEU B 34 -16.61 -15.67 11.80
N ASP B 35 -16.24 -15.62 13.08
CA ASP B 35 -16.06 -16.82 13.89
C ASP B 35 -15.04 -17.78 13.28
N ILE B 36 -13.95 -17.25 12.75
CA ILE B 36 -12.97 -18.13 12.12
C ILE B 36 -12.05 -18.77 13.14
N ASP B 37 -11.93 -20.10 13.04
CA ASP B 37 -11.00 -20.83 13.86
C ASP B 37 -9.59 -20.71 13.29
N VAL B 38 -8.71 -20.00 14.00
CA VAL B 38 -7.32 -19.79 13.58
C VAL B 38 -6.37 -20.14 14.71
N GLU B 39 -5.16 -20.57 14.37
CA GLU B 39 -4.10 -20.71 15.35
C GLU B 39 -3.21 -19.46 15.33
N LEU B 40 -3.15 -18.78 16.47
CA LEU B 40 -2.35 -17.58 16.61
C LEU B 40 -0.93 -17.92 17.02
N ARG B 41 0.06 -17.25 16.42
CA ARG B 41 1.45 -17.42 16.79
C ARG B 41 2.06 -16.04 16.96
N PHE B 42 2.51 -15.75 18.17
CA PHE B 42 3.00 -14.42 18.51
C PHE B 42 4.43 -14.16 18.03
N VAL B 43 4.60 -13.04 17.34
CA VAL B 43 5.91 -12.56 16.92
C VAL B 43 6.08 -11.16 17.52
N ASN B 44 7.03 -11.02 18.45
CA ASN B 44 7.21 -9.74 19.13
C ASN B 44 8.09 -8.80 18.32
N LEU B 45 7.48 -7.82 17.66
CA LEU B 45 8.23 -6.92 16.80
C LEU B 45 9.20 -6.02 17.54
N PHE B 46 8.87 -5.70 18.79
CA PHE B 46 9.73 -4.80 19.56
C PHE B 46 10.96 -5.52 20.09
N LYS B 47 10.99 -6.84 19.93
CA LYS B 47 12.17 -7.64 20.20
C LYS B 47 12.87 -8.12 18.91
N GLY B 48 12.33 -7.73 17.75
CA GLY B 48 12.97 -8.08 16.49
C GLY B 48 12.81 -9.54 16.09
N GLU B 49 11.75 -10.17 16.59
CA GLU B 49 11.50 -11.58 16.33
C GLU B 49 11.08 -11.83 14.90
N GLN B 50 10.66 -10.77 14.21
CA GLN B 50 10.30 -10.88 12.81
C GLN B 50 11.54 -11.15 11.96
N PHE B 51 12.72 -11.05 12.57
CA PHE B 51 13.97 -11.33 11.87
C PHE B 51 14.54 -12.71 12.20
N GLN B 52 13.79 -13.48 12.98
CA GLN B 52 14.17 -14.86 13.27
C GLN B 52 14.21 -15.63 11.96
N LYS B 53 15.20 -16.50 11.80
CA LYS B 53 15.50 -17.16 10.52
C LYS B 53 14.29 -17.81 9.89
N ASP B 54 13.54 -18.56 10.69
CA ASP B 54 12.38 -19.29 10.18
C ASP B 54 11.26 -18.35 9.73
N PHE B 55 11.01 -17.30 10.49
CA PHE B 55 10.00 -16.33 10.07
C PHE B 55 10.43 -15.58 8.80
N LEU B 56 11.70 -15.18 8.72
CA LEU B 56 12.23 -14.52 7.53
C LEU B 56 12.10 -15.39 6.30
N ALA B 57 12.33 -16.69 6.47
CA ALA B 57 12.21 -17.64 5.38
C ALA B 57 10.77 -17.71 4.88
N LEU B 58 9.85 -17.56 5.82
CA LEU B 58 8.43 -17.60 5.51
C LEU B 58 7.96 -16.29 4.87
N ASN B 59 8.36 -15.17 5.46
CA ASN B 59 8.02 -13.84 4.97
C ASN B 59 9.24 -12.96 4.96
N PRO B 60 9.90 -12.85 3.79
CA PRO B 60 11.12 -12.04 3.67
C PRO B 60 10.89 -10.55 3.97
N GLN B 61 9.63 -10.11 3.95
CA GLN B 61 9.29 -8.73 4.30
C GLN B 61 9.27 -8.51 5.80
N HIS B 62 9.46 -9.59 6.56
CA HIS B 62 9.52 -9.53 8.04
C HIS B 62 8.41 -8.69 8.63
N SER B 63 7.18 -9.01 8.24
CA SER B 63 6.02 -8.20 8.63
C SER B 63 4.90 -9.06 9.19
N VAL B 64 4.14 -8.47 10.10
CA VAL B 64 2.89 -9.05 10.53
C VAL B 64 1.77 -8.10 10.17
N PRO B 65 0.59 -8.64 9.88
CA PRO B 65 0.22 -10.06 9.93
C PRO B 65 0.77 -10.87 8.76
N THR B 66 1.04 -12.14 9.03
CA THR B 66 1.34 -13.13 8.00
C THR B 66 0.39 -14.29 8.25
N LEU B 67 -0.28 -14.74 7.19
CA LEU B 67 -1.20 -15.86 7.31
C LEU B 67 -0.68 -17.03 6.51
N VAL B 68 -0.68 -18.21 7.12
CA VAL B 68 -0.38 -19.43 6.41
C VAL B 68 -1.65 -20.27 6.41
N HIS B 69 -2.18 -20.53 5.22
CA HIS B 69 -3.42 -21.28 5.12
C HIS B 69 -3.21 -22.38 4.09
N GLY B 70 -2.90 -23.57 4.59
CA GLY B 70 -2.44 -24.64 3.72
C GLY B 70 -1.11 -24.26 3.11
N ASP B 71 -1.05 -24.21 1.78
CA ASP B 71 0.17 -23.83 1.07
C ASP B 71 0.21 -22.34 0.76
N LEU B 72 -0.89 -21.64 1.05
CA LEU B 72 -1.00 -20.22 0.76
C LEU B 72 -0.39 -19.38 1.89
N VAL B 73 0.58 -18.53 1.54
CA VAL B 73 1.23 -17.65 2.50
C VAL B 73 0.96 -16.21 2.10
N LEU B 74 0.21 -15.50 2.93
CA LEU B 74 -0.14 -14.11 2.67
C LEU B 74 0.61 -13.22 3.63
N THR B 75 1.14 -12.10 3.13
CA THR B 75 2.04 -11.25 3.90
C THR B 75 1.56 -9.82 3.91
N ASP B 76 0.26 -9.62 3.78
CA ASP B 76 -0.31 -8.29 3.85
C ASP B 76 -1.74 -8.40 4.37
N SER B 77 -2.07 -7.57 5.35
CA SER B 77 -3.39 -7.63 5.99
C SER B 77 -4.54 -7.50 4.99
N HIS B 78 -4.35 -6.72 3.93
CA HIS B 78 -5.45 -6.49 3.01
C HIS B 78 -5.73 -7.73 2.16
N ALA B 79 -4.68 -8.46 1.82
CA ALA B 79 -4.84 -9.76 1.18
C ALA B 79 -5.48 -10.74 2.14
N ILE B 80 -5.08 -10.71 3.41
CA ILE B 80 -5.63 -11.62 4.41
C ILE B 80 -7.12 -11.37 4.60
N LEU B 81 -7.50 -10.12 4.74
CA LEU B 81 -8.91 -9.77 4.86
C LEU B 81 -9.75 -10.28 3.67
N ILE B 82 -9.26 -10.03 2.45
CA ILE B 82 -9.97 -10.45 1.25
C ILE B 82 -10.02 -11.98 1.17
N HIS B 83 -8.90 -12.64 1.43
CA HIS B 83 -8.87 -14.09 1.38
C HIS B 83 -9.86 -14.70 2.38
N LEU B 84 -9.82 -14.24 3.62
CA LEU B 84 -10.69 -14.81 4.65
C LEU B 84 -12.16 -14.52 4.35
N ALA B 85 -12.46 -13.35 3.81
CA ALA B 85 -13.84 -13.03 3.45
C ALA B 85 -14.31 -13.93 2.31
N GLU B 86 -13.43 -14.20 1.35
CA GLU B 86 -13.81 -15.01 0.20
C GLU B 86 -14.02 -16.47 0.61
N LYS B 87 -13.18 -16.97 1.52
CA LYS B 87 -13.29 -18.37 1.95
C LYS B 87 -14.35 -18.60 3.02
N PHE B 88 -14.52 -17.63 3.91
CA PHE B 88 -15.36 -17.83 5.09
C PHE B 88 -16.62 -16.97 5.12
N ASP B 89 -16.82 -16.12 4.13
CA ASP B 89 -18.00 -15.25 4.13
C ASP B 89 -18.57 -15.07 2.72
N GLU B 90 -18.57 -16.14 1.95
CA GLU B 90 -19.18 -16.14 0.63
C GLU B 90 -20.63 -15.67 0.75
N GLY B 91 -21.00 -14.73 -0.11
CA GLY B 91 -22.35 -14.17 -0.08
C GLY B 91 -22.57 -13.06 0.94
N GLY B 92 -21.52 -12.71 1.68
CA GLY B 92 -21.63 -11.67 2.69
C GLY B 92 -21.46 -10.27 2.11
N SER B 93 -21.65 -9.26 2.94
CA SER B 93 -21.62 -7.89 2.46
C SER B 93 -20.26 -7.23 2.74
N LEU B 94 -19.41 -7.88 3.52
CA LEU B 94 -18.11 -7.31 3.88
C LEU B 94 -17.23 -7.10 2.67
N TRP B 95 -17.34 -8.03 1.72
CA TRP B 95 -16.58 -8.01 0.49
C TRP B 95 -17.60 -8.25 -0.62
N PRO B 96 -18.32 -7.17 -0.99
CA PRO B 96 -19.48 -7.19 -1.90
C PRO B 96 -19.17 -7.92 -3.20
N GLN B 97 -20.07 -8.78 -3.68
CA GLN B 97 -19.74 -9.49 -4.91
C GLN B 97 -19.98 -8.68 -6.20
N GLU B 98 -20.77 -7.61 -6.11
CA GLU B 98 -21.00 -6.76 -7.28
C GLU B 98 -19.75 -5.92 -7.57
N HIS B 99 -19.32 -5.93 -8.83
CA HIS B 99 -18.02 -5.36 -9.22
C HIS B 99 -17.76 -3.92 -8.76
N ALA B 100 -18.67 -3.00 -9.04
CA ALA B 100 -18.49 -1.60 -8.65
C ALA B 100 -18.36 -1.44 -7.14
N GLU B 101 -19.17 -2.18 -6.39
CA GLU B 101 -19.14 -2.10 -4.93
C GLU B 101 -17.83 -2.67 -4.40
N ARG B 102 -17.39 -3.78 -4.97
CA ARG B 102 -16.15 -4.41 -4.57
C ARG B 102 -14.97 -3.50 -4.86
N MET B 103 -14.99 -2.85 -6.02
CA MET B 103 -13.89 -1.96 -6.37
C MET B 103 -13.81 -0.78 -5.40
N LYS B 104 -14.96 -0.32 -4.90
N LYS B 104 -14.95 -0.33 -4.90
CA LYS B 104 -14.99 0.78 -3.94
CA LYS B 104 -14.99 0.77 -3.94
C LYS B 104 -14.37 0.35 -2.62
C LYS B 104 -14.35 0.35 -2.63
N VAL B 105 -14.64 -0.88 -2.20
CA VAL B 105 -14.05 -1.40 -0.97
C VAL B 105 -12.54 -1.56 -1.15
N LEU B 106 -12.15 -2.16 -2.28
CA LEU B 106 -10.74 -2.34 -2.60
C LEU B 106 -9.98 -1.00 -2.62
N ASN B 107 -10.60 0.01 -3.22
CA ASN B 107 -10.01 1.35 -3.29
C ASN B 107 -9.76 1.92 -1.90
N LEU B 108 -10.68 1.70 -0.98
CA LEU B 108 -10.51 2.19 0.38
C LEU B 108 -9.50 1.36 1.16
N LEU B 109 -9.44 0.06 0.92
CA LEU B 109 -8.41 -0.76 1.55
C LEU B 109 -7.04 -0.25 1.15
N LEU B 110 -6.89 0.10 -0.12
CA LEU B 110 -5.63 0.60 -0.64
C LEU B 110 -5.31 2.01 -0.14
N PHE B 111 -6.32 2.84 0.06
CA PHE B 111 -6.15 4.11 0.74
C PHE B 111 -5.58 3.88 2.14
N GLU B 112 -6.15 2.92 2.87
CA GLU B 112 -5.64 2.64 4.21
C GLU B 112 -4.17 2.28 4.13
N CYS B 113 -3.80 1.43 3.19
CA CYS B 113 -2.42 0.97 3.10
C CYS B 113 -1.47 2.10 2.68
N SER B 114 -1.82 2.77 1.59
N SER B 114 -1.85 2.77 1.61
CA SER B 114 -0.91 3.72 0.95
CA SER B 114 -0.99 3.72 0.90
C SER B 114 -0.86 5.11 1.61
C SER B 114 -0.90 5.11 1.55
N PHE B 115 -1.93 5.50 2.29
CA PHE B 115 -2.03 6.86 2.80
C PHE B 115 -2.16 6.90 4.33
N LEU B 116 -3.25 6.35 4.86
CA LEU B 116 -3.48 6.42 6.30
C LEU B 116 -2.42 5.67 7.12
N PHE B 117 -2.23 4.39 6.82
CA PHE B 117 -1.26 3.60 7.56
C PHE B 117 0.15 4.10 7.30
N ARG B 118 0.45 4.45 6.05
CA ARG B 118 1.78 4.94 5.71
C ARG B 118 2.13 6.11 6.63
N ARG B 119 1.21 7.06 6.74
CA ARG B 119 1.47 8.25 7.52
C ARG B 119 1.48 7.95 9.02
N ASP B 120 0.60 7.08 9.49
CA ASP B 120 0.64 6.77 10.92
C ASP B 120 1.90 6.00 11.28
N SER B 121 2.29 5.08 10.42
CA SER B 121 3.49 4.27 10.65
C SER B 121 4.73 5.16 10.66
N ASP B 122 4.81 6.10 9.72
CA ASP B 122 5.93 7.03 9.69
C ASP B 122 6.04 7.83 11.00
N PHE B 123 4.90 8.31 11.50
CA PHE B 123 4.88 9.10 12.74
C PHE B 123 5.32 8.24 13.91
N MET B 124 4.69 7.08 14.05
CA MET B 124 4.94 6.23 15.20
C MET B 124 6.36 5.70 15.17
N SER B 125 6.86 5.39 13.98
N SER B 125 6.88 5.40 13.98
CA SER B 125 8.23 4.92 13.87
CA SER B 125 8.25 4.92 13.86
C SER B 125 9.22 6.02 14.23
C SER B 125 9.27 6.01 14.18
N ALA B 126 8.90 7.26 13.88
CA ALA B 126 9.74 8.40 14.24
C ALA B 126 9.87 8.51 15.75
N ILE B 127 8.77 8.29 16.46
CA ILE B 127 8.78 8.28 17.92
C ILE B 127 9.71 7.21 18.44
N VAL B 128 9.56 5.99 17.93
CA VAL B 128 10.43 4.89 18.34
C VAL B 128 11.91 5.17 18.10
N ARG B 129 12.25 5.75 16.95
N ARG B 129 12.23 5.72 16.93
CA ARG B 129 13.64 5.95 16.56
CA ARG B 129 13.59 5.99 16.53
C ARG B 129 14.27 7.23 17.13
C ARG B 129 14.19 7.15 17.34
N GLN B 130 13.47 8.26 17.34
CA GLN B 130 14.01 9.54 17.81
C GLN B 130 13.67 9.92 19.24
N GLY B 131 12.64 9.29 19.80
CA GLY B 131 12.08 9.73 21.07
C GLY B 131 11.04 10.79 20.79
N PHE B 132 9.92 10.76 21.51
CA PHE B 132 8.81 11.67 21.25
C PHE B 132 9.23 13.13 21.28
N ALA B 133 10.07 13.48 22.25
CA ALA B 133 10.52 14.86 22.41
C ALA B 133 11.30 15.38 21.20
N ASN B 134 11.76 14.48 20.34
CA ASN B 134 12.59 14.86 19.20
C ASN B 134 11.89 14.68 17.87
N VAL B 135 10.59 14.43 17.92
CA VAL B 135 9.81 14.26 16.71
C VAL B 135 9.19 15.58 16.28
N ASP B 136 9.18 15.83 14.98
CA ASP B 136 8.50 17.00 14.43
C ASP B 136 7.00 16.70 14.49
N VAL B 137 6.41 16.88 15.66
CA VAL B 137 5.01 16.52 15.86
C VAL B 137 4.07 17.35 14.99
N ALA B 138 4.40 18.62 14.78
CA ALA B 138 3.56 19.50 13.98
C ALA B 138 3.45 18.99 12.56
N HIS B 139 4.59 18.56 12.01
CA HIS B 139 4.62 17.98 10.67
C HIS B 139 3.71 16.77 10.59
N HIS B 140 3.82 15.87 11.55
CA HIS B 140 2.96 14.69 11.52
C HIS B 140 1.51 14.98 11.81
N GLU B 141 1.25 16.00 12.63
CA GLU B 141 -0.13 16.38 12.88
C GLU B 141 -0.75 16.86 11.56
N ARG B 142 0.01 17.61 10.77
CA ARG B 142 -0.48 18.04 9.47
C ARG B 142 -0.79 16.85 8.56
N LYS B 143 0.16 15.91 8.47
CA LYS B 143 -0.01 14.78 7.57
C LYS B 143 -1.20 13.90 7.97
N LEU B 144 -1.37 13.69 9.27
CA LEU B 144 -2.43 12.82 9.75
C LEU B 144 -3.79 13.52 9.79
N THR B 145 -3.80 14.81 10.09
CA THR B 145 -5.03 15.60 10.03
C THR B 145 -5.56 15.60 8.60
N GLU B 146 -4.64 15.61 7.64
N GLU B 146 -4.64 15.62 7.65
CA GLU B 146 -5.03 15.55 6.23
CA GLU B 146 -5.01 15.55 6.24
C GLU B 146 -5.78 14.25 5.96
C GLU B 146 -5.73 14.24 5.91
N ALA B 147 -5.34 13.17 6.59
CA ALA B 147 -6.01 11.89 6.44
C ALA B 147 -7.41 11.95 7.05
N TYR B 148 -7.51 12.61 8.20
CA TYR B 148 -8.81 12.80 8.83
C TYR B 148 -9.77 13.52 7.88
N ILE B 149 -9.26 14.60 7.27
CA ILE B 149 -10.06 15.41 6.36
C ILE B 149 -10.58 14.58 5.20
N ILE B 150 -9.71 13.72 4.67
CA ILE B 150 -10.04 12.87 3.54
C ILE B 150 -11.12 11.85 3.91
N MET B 151 -11.00 11.27 5.11
CA MET B 151 -12.00 10.31 5.55
C MET B 151 -13.34 10.98 5.83
N GLU B 152 -13.29 12.19 6.37
CA GLU B 152 -14.50 12.98 6.60
C GLU B 152 -15.24 13.15 5.27
N ARG B 153 -14.50 13.44 4.20
CA ARG B 153 -15.07 13.53 2.86
C ARG B 153 -15.67 12.21 2.37
N TYR B 154 -14.93 11.12 2.55
CA TYR B 154 -15.39 9.79 2.15
C TYR B 154 -16.71 9.40 2.81
N LEU B 155 -16.96 9.95 4.01
CA LEU B 155 -18.16 9.60 4.75
C LEU B 155 -19.34 10.50 4.41
N GLU B 156 -19.15 11.41 3.46
CA GLU B 156 -20.18 12.40 3.19
C GLU B 156 -21.50 11.79 2.74
N ASN B 157 -21.43 10.81 1.84
CA ASN B 157 -22.65 10.23 1.29
C ASN B 157 -23.09 8.91 1.91
N SER B 158 -22.35 8.42 2.92
CA SER B 158 -22.69 7.13 3.52
C SER B 158 -22.25 6.98 4.98
N ASP B 159 -22.89 6.05 5.68
CA ASP B 159 -22.64 5.80 7.10
C ASP B 159 -21.33 5.05 7.33
N PHE B 160 -20.83 4.38 6.30
CA PHE B 160 -19.58 3.65 6.41
C PHE B 160 -18.60 4.06 5.31
N MET B 161 -17.35 3.64 5.45
CA MET B 161 -16.31 4.10 4.55
C MET B 161 -16.54 3.81 3.08
N ALA B 162 -17.12 2.65 2.76
CA ALA B 162 -17.26 2.24 1.37
C ALA B 162 -18.72 2.14 0.92
N GLY B 163 -19.63 2.66 1.73
CA GLY B 163 -21.04 2.61 1.38
C GLY B 163 -21.94 2.56 2.60
N PRO B 164 -23.19 2.11 2.38
CA PRO B 164 -24.24 2.11 3.40
C PRO B 164 -24.03 1.01 4.44
N GLN B 165 -23.12 0.08 4.16
CA GLN B 165 -22.90 -1.07 5.02
C GLN B 165 -21.44 -1.25 5.41
N LEU B 166 -21.22 -1.90 6.56
CA LEU B 166 -19.89 -2.26 7.02
C LEU B 166 -19.19 -3.13 5.98
N THR B 167 -17.94 -2.79 5.64
CA THR B 167 -17.16 -3.64 4.74
C THR B 167 -15.76 -3.86 5.30
N LEU B 168 -14.97 -4.64 4.57
CA LEU B 168 -13.57 -4.85 4.93
C LEU B 168 -12.84 -3.52 5.12
N ALA B 169 -13.23 -2.52 4.36
CA ALA B 169 -12.57 -1.21 4.40
C ALA B 169 -12.66 -0.60 5.80
N ASP B 170 -13.81 -0.75 6.45
CA ASP B 170 -13.98 -0.16 7.79
C ASP B 170 -13.09 -0.85 8.81
N LEU B 171 -12.92 -2.16 8.64
CA LEU B 171 -12.11 -2.94 9.56
C LEU B 171 -10.67 -2.50 9.48
N SER B 172 -10.17 -2.41 8.25
CA SER B 172 -8.82 -1.99 8.00
C SER B 172 -8.60 -0.56 8.50
N ILE B 173 -9.53 0.33 8.17
CA ILE B 173 -9.39 1.73 8.54
C ILE B 173 -9.52 2.01 10.05
N VAL B 174 -10.43 1.33 10.72
CA VAL B 174 -10.69 1.66 12.11
C VAL B 174 -9.51 1.36 13.02
N THR B 175 -8.76 0.29 12.73
CA THR B 175 -7.65 -0.08 13.59
C THR B 175 -6.55 0.98 13.50
N THR B 176 -6.26 1.45 12.30
CA THR B 176 -5.28 2.51 12.15
C THR B 176 -5.82 3.85 12.69
N LEU B 177 -7.08 4.15 12.39
CA LEU B 177 -7.66 5.38 12.91
C LEU B 177 -7.63 5.42 14.45
N SER B 178 -7.98 4.30 15.08
CA SER B 178 -7.92 4.25 16.55
C SER B 178 -6.51 4.52 17.07
N THR B 179 -5.50 4.16 16.26
CA THR B 179 -4.10 4.36 16.63
C THR B 179 -3.67 5.82 16.45
N VAL B 180 -4.10 6.43 15.35
CA VAL B 180 -3.86 7.86 15.14
C VAL B 180 -4.53 8.65 16.27
N ASN B 181 -5.72 8.18 16.65
CA ASN B 181 -6.52 8.82 17.69
C ASN B 181 -5.89 8.74 19.10
N LEU B 182 -4.86 7.93 19.28
CA LEU B 182 -4.08 7.95 20.53
C LEU B 182 -3.47 9.34 20.72
N MET B 183 -3.13 9.98 19.61
CA MET B 183 -2.42 11.25 19.61
C MET B 183 -3.32 12.41 19.21
N PHE B 184 -4.10 12.22 18.15
CA PHE B 184 -4.88 13.29 17.56
C PHE B 184 -6.38 13.04 17.60
N PRO B 185 -7.11 13.92 18.31
CA PRO B 185 -8.55 13.76 18.52
C PRO B 185 -9.40 13.99 17.27
N LEU B 186 -10.64 13.51 17.30
CA LEU B 186 -11.56 13.55 16.18
C LEU B 186 -12.62 14.63 16.35
N SER B 187 -12.34 15.58 17.23
CA SER B 187 -13.28 16.61 17.62
C SER B 187 -13.74 17.49 16.47
N GLN B 188 -12.87 17.70 15.49
CA GLN B 188 -13.21 18.56 14.36
C GLN B 188 -13.89 17.83 13.22
N PHE B 189 -14.09 16.52 13.38
CA PHE B 189 -14.59 15.74 12.26
C PHE B 189 -15.85 14.97 12.64
N PRO B 190 -17.02 15.61 12.47
CA PRO B 190 -18.28 15.05 12.96
C PRO B 190 -18.67 13.71 12.33
N ARG B 191 -18.50 13.56 11.02
CA ARG B 191 -18.84 12.29 10.38
C ARG B 191 -17.90 11.20 10.86
N LEU B 192 -16.62 11.54 10.97
CA LEU B 192 -15.58 10.60 11.37
C LEU B 192 -15.77 10.18 12.83
N ARG B 193 -16.13 11.14 13.67
N ARG B 193 -16.11 11.13 13.69
CA ARG B 193 -16.43 10.90 15.07
CA ARG B 193 -16.32 10.81 15.10
C ARG B 193 -17.62 9.94 15.22
C ARG B 193 -17.56 9.95 15.29
N ARG B 194 -18.70 10.24 14.52
N ARG B 194 -18.60 10.26 14.52
CA ARG B 194 -19.90 9.40 14.56
CA ARG B 194 -19.83 9.47 14.52
C ARG B 194 -19.60 7.99 14.06
C ARG B 194 -19.55 8.03 14.09
N TRP B 195 -18.83 7.89 12.99
CA TRP B 195 -18.46 6.59 12.46
C TRP B 195 -17.59 5.80 13.45
N PHE B 196 -16.63 6.45 14.08
CA PHE B 196 -15.71 5.76 15.00
C PHE B 196 -16.46 5.28 16.23
N THR B 197 -17.42 6.08 16.68
CA THR B 197 -18.27 5.70 17.79
C THR B 197 -19.11 4.47 17.44
N ALA B 198 -19.68 4.48 16.24
CA ALA B 198 -20.44 3.34 15.73
C ALA B 198 -19.59 2.06 15.64
N MET B 199 -18.35 2.20 15.19
CA MET B 199 -17.44 1.05 15.07
C MET B 199 -17.15 0.46 16.44
N GLN B 200 -17.00 1.33 17.42
CA GLN B 200 -16.70 0.91 18.79
C GLN B 200 -17.86 0.16 19.44
N GLN B 201 -19.03 0.20 18.80
CA GLN B 201 -20.20 -0.52 19.31
C GLN B 201 -20.26 -1.96 18.81
N LEU B 202 -19.55 -2.25 17.73
CA LEU B 202 -19.54 -3.60 17.17
C LEU B 202 -18.91 -4.56 18.16
N ASP B 203 -19.47 -5.75 18.27
CA ASP B 203 -18.90 -6.79 19.11
C ASP B 203 -17.46 -7.06 18.71
N ALA B 204 -17.24 -7.08 17.39
CA ALA B 204 -15.91 -7.36 16.84
C ALA B 204 -14.84 -6.35 17.24
N TYR B 205 -15.24 -5.13 17.56
CA TYR B 205 -14.27 -4.09 17.92
C TYR B 205 -13.49 -4.46 19.17
N GLU B 206 -14.03 -5.39 19.96
CA GLU B 206 -13.33 -5.82 21.16
C GLU B 206 -11.96 -6.39 20.79
N ALA B 207 -11.86 -6.96 19.59
CA ALA B 207 -10.59 -7.51 19.13
C ALA B 207 -9.53 -6.44 18.92
N ASN B 208 -9.95 -5.18 18.81
CA ASN B 208 -9.03 -4.05 18.67
C ASN B 208 -8.47 -3.55 20.00
N CYS B 209 -9.22 -3.78 21.08
CA CYS B 209 -8.96 -3.13 22.37
C CYS B 209 -7.62 -3.46 22.99
N SER B 210 -7.36 -4.76 23.17
CA SER B 210 -6.18 -5.21 23.86
C SER B 210 -4.93 -4.67 23.17
N GLY B 211 -4.88 -4.85 21.85
CA GLY B 211 -3.72 -4.45 21.08
C GLY B 211 -3.50 -2.96 21.04
N LEU B 212 -4.58 -2.19 20.97
CA LEU B 212 -4.46 -0.75 20.99
C LEU B 212 -3.83 -0.27 22.30
N GLU B 213 -4.30 -0.83 23.41
N GLU B 213 -4.29 -0.82 23.41
CA GLU B 213 -3.79 -0.45 24.72
CA GLU B 213 -3.76 -0.40 24.70
C GLU B 213 -2.34 -0.89 24.89
C GLU B 213 -2.32 -0.90 24.92
N LYS B 214 -2.01 -2.07 24.38
CA LYS B 214 -0.64 -2.56 24.42
C LYS B 214 0.28 -1.65 23.63
N LEU B 215 -0.20 -1.17 22.49
CA LEU B 215 0.57 -0.23 21.69
C LEU B 215 0.76 1.10 22.44
N ARG B 216 -0.31 1.61 23.04
CA ARG B 216 -0.20 2.83 23.83
C ARG B 216 0.90 2.69 24.87
N GLN B 217 0.85 1.61 25.65
CA GLN B 217 1.84 1.39 26.70
C GLN B 217 3.26 1.23 26.18
N THR B 218 3.43 0.42 25.14
CA THR B 218 4.73 0.26 24.51
C THR B 218 5.30 1.58 23.97
N MET B 219 4.48 2.34 23.25
CA MET B 219 4.92 3.60 22.67
C MET B 219 5.36 4.60 23.74
N GLU B 220 4.58 4.67 24.82
CA GLU B 220 4.86 5.62 25.89
C GLU B 220 6.14 5.29 26.62
N SER B 221 6.40 4.00 26.80
CA SER B 221 7.65 3.55 27.39
C SER B 221 8.84 3.82 26.46
N VAL B 222 8.74 3.32 25.22
N VAL B 222 8.75 3.32 25.22
CA VAL B 222 9.84 3.41 24.29
CA VAL B 222 9.87 3.41 24.30
C VAL B 222 10.10 4.84 23.84
C VAL B 222 10.11 4.84 23.80
N GLY B 223 9.04 5.63 23.74
CA GLY B 223 9.15 7.01 23.30
C GLY B 223 9.37 7.99 24.43
N SER B 224 9.36 7.48 25.67
CA SER B 224 9.55 8.29 26.88
C SER B 224 8.56 9.46 26.96
N PHE B 225 7.27 9.16 26.87
CA PHE B 225 6.26 10.22 26.88
C PHE B 225 4.91 9.66 27.26
N GLN B 226 3.91 10.53 27.31
CA GLN B 226 2.54 10.11 27.49
C GLN B 226 1.68 10.75 26.42
N PHE B 227 0.82 9.96 25.78
CA PHE B 227 -0.13 10.49 24.82
C PHE B 227 -1.04 11.47 25.55
N PRO B 228 -1.57 12.47 24.83
CA PRO B 228 -2.54 13.40 25.42
C PRO B 228 -3.80 12.67 25.86
N SER B 229 -4.14 11.61 25.14
CA SER B 229 -5.37 10.87 25.38
C SER B 229 -5.25 9.97 26.60
N SER B 230 -4.02 9.77 27.06
CA SER B 230 -3.73 8.91 28.19
C SER B 230 -4.11 9.56 29.53
C1 DC1 C . 6.38 9.58 -5.49
C2 DC1 C . 7.65 10.41 -5.30
C3 DC1 C . 8.39 10.67 -6.62
C4 DC1 C . 7.46 11.32 -7.62
C5 DC1 C . 6.28 10.40 -7.90
C6 DC1 C . 5.77 9.45 -6.86
C7 DC1 C . 8.96 9.37 -7.17
C8 DC1 C . 9.53 11.65 -6.36
O1 DC1 C . 5.86 9.03 -4.53
O2 DC1 C . 5.75 10.47 -8.99
N1 GSH D . -0.46 3.50 -3.71
CA1 GSH D . -0.79 4.56 -4.60
C1 GSH D . -1.01 3.95 -5.99
O11 GSH D . -1.70 4.60 -6.84
O12 GSH D . -0.51 2.84 -6.28
CB1 GSH D . 0.40 5.54 -4.70
CG1 GSH D . -0.07 6.79 -5.50
CD1 GSH D . 0.93 7.95 -5.25
OE1 GSH D . 1.37 8.18 -4.15
N2 GSH D . 1.29 8.76 -6.40
CA2 GSH D . 2.20 9.87 -6.22
C2 GSH D . 1.42 11.18 -6.20
O2 GSH D . 0.41 11.32 -6.82
CB2 GSH D . 3.09 9.91 -7.44
SG2 GSH D . 4.33 8.57 -7.38
N3 GSH D . 1.95 12.28 -5.42
CA3 GSH D . 1.27 13.55 -5.39
C3 GSH D . 1.00 14.01 -4.00
O31 GSH D . 0.74 15.22 -3.77
O32 GSH D . 1.03 13.18 -3.06
S DMS E . 6.07 15.67 -5.42
O DMS E . 6.23 15.11 -6.79
C1 DMS E . 6.74 17.37 -5.38
C2 DMS E . 4.32 16.00 -5.12
H11 DMS E . 6.56 17.80 -4.44
H12 DMS E . 7.78 17.34 -5.56
H13 DMS E . 6.26 17.95 -6.13
H21 DMS E . 3.79 15.08 -5.12
H22 DMS E . 4.20 16.48 -4.19
H23 DMS E . 3.94 16.63 -5.89
C1 DC1 F . 4.34 -0.18 12.36
C2 DC1 F . 5.11 0.71 13.29
C3 DC1 F . 4.63 0.64 14.72
C4 DC1 F . 4.59 -0.78 15.23
C5 DC1 F . 3.75 -1.67 14.35
C6 DC1 F . 3.50 -1.32 12.90
C7 DC1 F . 3.24 1.27 14.82
C8 DC1 F . 5.64 1.41 15.56
O1 DC1 F . 4.41 0.04 11.17
O2 DC1 F . 3.27 -2.70 14.81
N1 GSH G . 0.81 -3.23 4.37
CA1 GSH G . 1.16 -4.19 5.36
C1 GSH G . -0.12 -4.88 5.85
O11 GSH G . -1.22 -4.32 5.71
O12 GSH G . -0.01 -6.03 6.35
CB1 GSH G . 1.92 -3.48 6.51
CG1 GSH G . 2.51 -4.57 7.43
CD1 GSH G . 3.51 -3.90 8.39
OE1 GSH G . 4.28 -3.06 8.03
N2 GSH G . 3.49 -4.39 9.75
CA2 GSH G . 4.42 -3.84 10.71
C2 GSH G . 5.58 -4.83 10.88
O2 GSH G . 5.45 -6.03 10.82
CB2 GSH G . 3.69 -3.74 12.02
SG2 GSH G . 2.55 -2.34 12.01
N3 GSH G . 6.86 -4.23 11.14
CA3 GSH G . 7.99 -5.12 11.34
C3 GSH G . 9.13 -4.78 10.44
O31 GSH G . 8.93 -4.05 9.44
O32 GSH G . 10.27 -5.24 10.68
S DMS H . 9.72 -2.11 15.08
O DMS H . 10.58 -2.00 16.32
C1 DMS H . 9.52 -0.47 14.35
C2 DMS H . 8.01 -2.42 15.55
H11 DMS H . 9.00 -0.56 13.43
H12 DMS H . 10.48 -0.04 14.16
H13 DMS H . 8.98 0.15 15.01
H21 DMS H . 7.42 -2.58 14.68
H22 DMS H . 7.62 -1.59 16.08
H23 DMS H . 7.95 -3.28 16.18
#